data_5WKL
#
_entry.id   5WKL
#
_cell.length_a   101.253
_cell.length_b   58.099
_cell.length_c   49.734
_cell.angle_alpha   90.000
_cell.angle_beta   112.000
_cell.angle_gamma   90.000
#
_symmetry.space_group_name_H-M   'C 1 2 1'
#
loop_
_entity.id
_entity.type
_entity.pdbx_description
1 polymer 'Orf1a protein'
2 non-polymer '(1R,2S)-2-{[N-({[4-benzyl-1-(tert-butoxycarbonyl)piperidin-4-yl]oxy}carbonyl)-L-leucyl]amino}-1-hydroxy-3-[(3S)-2-oxopyrrolidin-3-yl]propane-1-sulfonic acid'
3 non-polymer '(1S,2S)-2-{[N-({[4-benzyl-1-(tert-butoxycarbonyl)piperidin-4-yl]oxy}carbonyl)-L-leucyl]amino}-1-hydroxy-3-[(3S)-2-oxopyrrolidin-3-yl]propane-1-sulfonic acid'
4 water water
#
_entity_poly.entity_id   1
_entity_poly.type   'polypeptide(L)'
_entity_poly.pdbx_seq_one_letter_code
;MHHHHHHSGLVKMSHPSGDVEACMVQVTCGSMTLNGLWLDNTVWCPRHVMCPADQLSDPNYDALLISMTNHSFSVQKHIG
APANLRVVGHAMQGTLLKLTVDVANPSTPAYTFTTVKPGAAFSVLACYNGRPTGTFTVVMRPNYTIKGSFLCGSCGSVGY
TKEGSVINFCYMHQMELANGTHTGSAFDGTMYGAFMDKQVHQVQLTDKYCSVNVVAWLYAAILNGCAWFVKPNRTSVVSF
NEWALANQFTEFVGTQSVDMLAVKTGVAIEQLLYAIQQLYTGFQGKQILGSTMLEDEFTPEDVNMQIMGVVMQ
;
_entity_poly.pdbx_strand_id   A
#
# COMPACT_ATOMS: atom_id res chain seq x y z
N HIS A 6 13.85 -4.41 -25.70
CA HIS A 6 14.45 -3.29 -24.89
C HIS A 6 13.82 -3.20 -23.50
N HIS A 7 14.66 -3.22 -22.45
CA HIS A 7 14.18 -3.17 -21.07
C HIS A 7 14.00 -1.72 -20.62
N SER A 8 12.84 -1.42 -19.99
CA SER A 8 12.46 -0.05 -19.65
C SER A 8 13.30 0.53 -18.53
N GLY A 9 13.96 -0.32 -17.75
CA GLY A 9 14.67 0.12 -16.59
C GLY A 9 13.76 0.32 -15.40
N LEU A 10 12.52 -0.15 -15.49
CA LEU A 10 11.53 -0.06 -14.42
C LEU A 10 11.41 -1.40 -13.71
N VAL A 11 11.57 -1.38 -12.39
CA VAL A 11 11.30 -2.55 -11.56
C VAL A 11 10.37 -2.13 -10.41
N LYS A 12 9.80 -3.13 -9.77
CA LYS A 12 9.05 -2.90 -8.54
C LYS A 12 10.09 -2.68 -7.45
N MET A 13 10.27 -1.43 -7.06
CA MET A 13 11.33 -1.06 -6.14
C MET A 13 10.74 -0.73 -4.79
N SER A 14 11.32 -1.30 -3.73
CA SER A 14 10.97 -1.02 -2.35
C SER A 14 12.04 -0.16 -1.69
N HIS A 15 11.65 0.52 -0.64
CA HIS A 15 12.62 1.17 0.23
C HIS A 15 13.48 0.12 0.90
N PRO A 16 14.71 0.46 1.24
CA PRO A 16 15.48 -0.45 2.09
C PRO A 16 14.72 -0.60 3.41
N SER A 17 14.65 -1.83 3.92
CA SER A 17 13.75 -2.14 5.02
C SER A 17 14.40 -2.10 6.40
N GLY A 18 15.70 -1.79 6.50
CA GLY A 18 16.40 -1.99 7.77
C GLY A 18 15.84 -1.17 8.92
N ASP A 19 15.51 0.11 8.67
CA ASP A 19 14.95 0.98 9.71
C ASP A 19 13.69 0.36 10.30
N VAL A 20 12.88 -0.27 9.47
CA VAL A 20 11.58 -0.82 9.91
C VAL A 20 11.75 -2.19 10.55
N GLU A 21 12.65 -3.02 10.02
CA GLU A 21 12.97 -4.30 10.65
C GLU A 21 13.26 -4.15 12.14
N ALA A 22 13.98 -3.11 12.52
CA ALA A 22 14.35 -2.86 13.91
C ALA A 22 13.16 -2.45 14.80
N CYS A 23 11.97 -2.29 14.21
CA CYS A 23 10.74 -1.94 14.93
C CYS A 23 9.75 -3.09 15.04
N MET A 24 10.07 -4.26 14.52
CA MET A 24 9.10 -5.35 14.47
C MET A 24 9.23 -6.22 15.70
N VAL A 25 8.08 -6.62 16.23
CA VAL A 25 7.98 -7.42 17.45
C VAL A 25 6.90 -8.47 17.23
N GLN A 26 6.86 -9.44 18.14
CA GLN A 26 5.79 -10.43 18.18
C GLN A 26 4.84 -10.05 19.30
N VAL A 27 3.55 -10.14 19.03
CA VAL A 27 2.52 -9.91 20.05
C VAL A 27 1.66 -11.15 20.15
N THR A 28 1.45 -11.60 21.39
CA THR A 28 0.68 -12.81 21.65
C THR A 28 -0.31 -12.47 22.76
N CYS A 29 -1.53 -12.93 22.58
CA CYS A 29 -2.58 -12.71 23.56
C CYS A 29 -3.43 -13.96 23.51
N GLY A 30 -3.36 -14.77 24.55
CA GLY A 30 -4.01 -16.08 24.50
C GLY A 30 -3.35 -16.98 23.47
N SER A 31 -4.16 -17.63 22.63
CA SER A 31 -3.70 -18.51 21.56
C SER A 31 -3.59 -17.80 20.22
N MET A 32 -3.51 -16.48 20.23
CA MET A 32 -3.33 -15.69 19.01
C MET A 32 -1.94 -15.06 19.00
N THR A 33 -1.26 -15.13 17.87
CA THR A 33 0.07 -14.52 17.72
C THR A 33 0.15 -13.76 16.39
N LEU A 34 0.61 -12.51 16.43
CA LEU A 34 0.84 -11.77 15.18
C LEU A 34 1.95 -10.75 15.40
N ASN A 35 2.15 -9.83 14.44
CA ASN A 35 3.24 -8.87 14.50
C ASN A 35 2.77 -7.53 15.06
N GLY A 36 3.70 -6.83 15.69
CA GLY A 36 3.46 -5.49 16.17
C GLY A 36 4.59 -4.57 15.74
N LEU A 37 4.30 -3.27 15.77
CA LEU A 37 5.25 -2.22 15.46
C LEU A 37 5.59 -1.41 16.70
N TRP A 38 6.87 -1.42 17.08
CA TRP A 38 7.38 -0.81 18.30
C TRP A 38 8.06 0.52 18.01
N LEU A 39 7.42 1.59 18.43
CA LEU A 39 7.95 2.93 18.26
C LEU A 39 7.89 3.64 19.61
N ASP A 40 9.02 4.20 20.06
CA ASP A 40 9.04 4.91 21.35
C ASP A 40 8.53 3.89 22.38
N ASN A 41 7.59 4.26 23.25
CA ASN A 41 7.06 3.34 24.26
C ASN A 41 5.74 2.69 23.84
N THR A 42 5.42 2.68 22.55
CA THR A 42 4.16 2.15 22.06
C THR A 42 4.39 0.98 21.09
N VAL A 43 3.57 -0.06 21.25
CA VAL A 43 3.49 -1.18 20.30
C VAL A 43 2.10 -1.17 19.69
N TRP A 44 2.05 -1.04 18.37
CA TRP A 44 0.82 -1.10 17.58
C TRP A 44 0.60 -2.50 17.04
N CYS A 45 -0.63 -3.01 17.12
CA CYS A 45 -0.90 -4.30 16.49
C CYS A 45 -2.39 -4.43 16.20
N PRO A 46 -2.80 -5.38 15.33
CA PRO A 46 -4.22 -5.54 15.04
C PRO A 46 -4.97 -5.99 16.28
N ARG A 47 -6.18 -5.46 16.43
CA ARG A 47 -6.95 -5.78 17.61
C ARG A 47 -7.44 -7.23 17.62
N HIS A 48 -7.47 -7.90 16.47
CA HIS A 48 -7.93 -9.26 16.51
C HIS A 48 -6.92 -10.22 17.11
N VAL A 49 -5.78 -9.74 17.62
CA VAL A 49 -4.94 -10.59 18.46
C VAL A 49 -5.68 -11.00 19.73
N MET A 50 -6.62 -10.18 20.18
CA MET A 50 -7.43 -10.48 21.36
C MET A 50 -8.46 -11.57 21.11
N CYS A 51 -8.71 -11.92 19.90
CA CYS A 51 -9.91 -12.67 19.61
C CYS A 51 -9.60 -14.17 19.60
N PRO A 52 -10.41 -15.00 20.26
CA PRO A 52 -10.28 -16.47 20.08
C PRO A 52 -10.72 -16.89 18.69
N ALA A 53 -10.18 -18.02 18.22
CA ALA A 53 -10.39 -18.43 16.83
C ALA A 53 -11.88 -18.52 16.49
N ASP A 54 -12.66 -19.23 17.31
CA ASP A 54 -14.08 -19.43 17.02
C ASP A 54 -14.91 -18.20 17.23
N GLN A 55 -14.26 -17.04 17.36
CA GLN A 55 -14.97 -15.77 17.40
C GLN A 55 -14.51 -14.82 16.30
N LEU A 56 -13.56 -15.22 15.45
CA LEU A 56 -13.00 -14.32 14.45
C LEU A 56 -14.07 -13.73 13.51
N SER A 57 -15.21 -14.38 13.37
CA SER A 57 -16.30 -13.86 12.55
C SER A 57 -17.33 -13.19 13.47
N ASP A 58 -17.48 -11.89 13.35
CA ASP A 58 -18.35 -11.11 14.22
C ASP A 58 -17.84 -11.08 15.66
N PRO A 59 -16.56 -10.80 15.91
CA PRO A 59 -16.11 -10.61 17.29
C PRO A 59 -16.71 -9.34 17.88
N ASN A 60 -16.84 -9.34 19.21
CA ASN A 60 -17.23 -8.16 19.96
C ASN A 60 -15.96 -7.61 20.61
N TYR A 61 -15.28 -6.72 19.89
CA TYR A 61 -13.99 -6.25 20.37
C TYR A 61 -14.09 -5.39 21.62
N ASP A 62 -15.18 -4.65 21.80
CA ASP A 62 -15.28 -3.83 23.02
C ASP A 62 -15.30 -4.71 24.26
N ALA A 63 -16.08 -5.79 24.24
CA ALA A 63 -16.07 -6.72 25.35
C ALA A 63 -14.69 -7.37 25.51
N LEU A 64 -14.11 -7.88 24.40
CA LEU A 64 -12.77 -8.44 24.47
C LEU A 64 -11.81 -7.48 25.16
N LEU A 65 -11.81 -6.22 24.75
CA LEU A 65 -10.88 -5.24 25.33
C LEU A 65 -11.05 -5.13 26.84
N ILE A 66 -12.29 -5.06 27.30
CA ILE A 66 -12.57 -4.96 28.73
C ILE A 66 -12.04 -6.19 29.46
N SER A 67 -12.16 -7.35 28.84
CA SER A 67 -11.70 -8.58 29.47
C SER A 67 -10.18 -8.65 29.59
N MET A 68 -9.42 -7.83 28.86
CA MET A 68 -7.97 -7.94 28.90
C MET A 68 -7.37 -7.08 30.03
N THR A 69 -6.27 -7.57 30.59
CA THR A 69 -5.39 -6.78 31.44
C THR A 69 -4.08 -6.56 30.69
N ASN A 70 -3.18 -5.78 31.31
CA ASN A 70 -1.86 -5.59 30.71
C ASN A 70 -1.14 -6.93 30.56
N HIS A 71 -1.34 -7.83 31.52
CA HIS A 71 -0.66 -9.12 31.53
C HIS A 71 -1.24 -10.10 30.52
N SER A 72 -2.37 -9.76 29.89
CA SER A 72 -2.90 -10.57 28.81
C SER A 72 -2.01 -10.54 27.56
N PHE A 73 -1.14 -9.54 27.43
CA PHE A 73 -0.38 -9.31 26.21
C PHE A 73 1.09 -9.63 26.45
N SER A 74 1.65 -10.45 25.56
CA SER A 74 3.07 -10.81 25.60
C SER A 74 3.71 -10.22 24.35
N VAL A 75 4.68 -9.34 24.53
CA VAL A 75 5.40 -8.71 23.44
C VAL A 75 6.84 -9.21 23.48
N GLN A 76 7.32 -9.74 22.37
CA GLN A 76 8.67 -10.26 22.30
C GLN A 76 9.36 -9.72 21.06
N LYS A 77 10.61 -9.30 21.22
CA LYS A 77 11.47 -8.93 20.10
C LYS A 77 12.38 -10.11 19.81
N HIS A 78 12.62 -10.38 18.52
CA HIS A 78 13.48 -11.46 18.08
C HIS A 78 14.76 -11.02 17.38
N ILE A 79 14.86 -9.75 16.98
CA ILE A 79 15.96 -9.26 16.14
C ILE A 79 15.63 -9.57 14.69
N ALA A 83 14.31 -10.28 23.62
CA ALA A 83 13.75 -9.41 24.64
C ALA A 83 12.25 -9.63 24.81
N ASN A 84 11.81 -9.73 26.06
CA ASN A 84 10.41 -9.53 26.42
C ASN A 84 10.18 -8.07 26.79
N LEU A 85 9.14 -7.47 26.24
CA LEU A 85 8.74 -6.11 26.56
C LEU A 85 7.50 -6.15 27.43
N ARG A 86 7.62 -5.64 28.66
CA ARG A 86 6.50 -5.65 29.61
C ARG A 86 5.45 -4.61 29.23
N VAL A 87 4.20 -5.05 29.12
CA VAL A 87 3.10 -4.15 28.78
C VAL A 87 2.63 -3.45 30.04
N VAL A 88 2.54 -2.13 29.98
CA VAL A 88 2.10 -1.31 31.12
C VAL A 88 0.88 -0.47 30.81
N GLY A 89 0.31 -0.57 29.60
CA GLY A 89 -0.94 0.08 29.28
C GLY A 89 -1.49 -0.50 28.01
N HIS A 90 -2.82 -0.50 27.88
CA HIS A 90 -3.42 -0.98 26.65
C HIS A 90 -4.65 -0.17 26.30
N ALA A 91 -4.77 0.15 25.01
CA ALA A 91 -5.89 0.90 24.50
C ALA A 91 -6.21 0.39 23.10
N MET A 92 -7.45 0.65 22.67
CA MET A 92 -7.93 0.27 21.36
C MET A 92 -8.23 1.53 20.57
N GLN A 93 -7.67 1.65 19.39
CA GLN A 93 -8.00 2.76 18.52
C GLN A 93 -8.47 2.22 17.18
N GLY A 94 -9.77 2.33 16.93
CA GLY A 94 -10.34 1.70 15.76
C GLY A 94 -10.01 0.23 15.75
N THR A 95 -9.39 -0.23 14.66
CA THR A 95 -9.05 -1.64 14.47
C THR A 95 -7.64 -1.99 14.94
N LEU A 96 -6.96 -1.06 15.62
CA LEU A 96 -5.65 -1.34 16.17
C LEU A 96 -5.69 -1.28 17.68
N LEU A 97 -4.78 -2.02 18.28
CA LEU A 97 -4.41 -1.81 19.67
C LEU A 97 -3.18 -0.94 19.77
N LYS A 98 -3.15 -0.16 20.84
CA LYS A 98 -2.00 0.61 21.27
C LYS A 98 -1.57 0.03 22.61
N LEU A 99 -0.48 -0.69 22.64
CA LEU A 99 0.12 -1.18 23.86
C LEU A 99 1.25 -0.28 24.30
N THR A 100 1.23 0.12 25.55
CA THR A 100 2.33 0.88 26.13
C THR A 100 3.25 -0.09 26.84
N VAL A 101 4.55 0.03 26.57
CA VAL A 101 5.54 -0.88 27.12
C VAL A 101 6.55 -0.04 27.89
N ASP A 102 7.30 -0.71 28.78
CA ASP A 102 8.11 0.00 29.75
C ASP A 102 9.43 0.48 29.16
N VAL A 103 9.82 -0.04 28.01
CA VAL A 103 11.09 0.29 27.37
C VAL A 103 10.80 0.98 26.04
N ALA A 104 11.43 2.13 25.84
CA ALA A 104 11.39 2.82 24.55
C ALA A 104 12.34 2.15 23.57
N ASN A 105 11.85 1.93 22.33
CA ASN A 105 12.68 1.31 21.29
C ASN A 105 13.87 2.20 20.98
N PRO A 106 15.09 1.80 21.32
CA PRO A 106 16.23 2.68 21.04
C PRO A 106 16.53 2.83 19.55
N SER A 107 15.99 1.96 18.70
CA SER A 107 16.14 2.07 17.26
C SER A 107 14.96 2.76 16.58
N THR A 108 14.13 3.50 17.32
CA THR A 108 12.98 4.19 16.76
C THR A 108 13.47 5.16 15.69
N PRO A 109 13.02 5.03 14.44
CA PRO A 109 13.40 6.01 13.43
C PRO A 109 12.58 7.28 13.58
N ALA A 110 13.00 8.31 12.84
CA ALA A 110 12.13 9.46 12.66
C ALA A 110 10.94 9.00 11.84
N TYR A 111 9.72 9.31 12.29
CA TYR A 111 8.56 8.77 11.60
C TYR A 111 7.34 9.68 11.73
N THR A 112 6.41 9.46 10.83
CA THR A 112 5.09 10.04 10.88
C THR A 112 4.13 8.92 10.54
N PHE A 113 2.84 9.18 10.77
CA PHE A 113 1.75 8.38 10.27
C PHE A 113 1.07 9.14 9.15
N THR A 114 0.78 8.45 8.06
CA THR A 114 0.05 9.04 6.96
C THR A 114 -0.90 8.02 6.37
N THR A 115 -1.83 8.53 5.57
CA THR A 115 -2.81 7.73 4.87
C THR A 115 -2.48 7.73 3.37
N VAL A 116 -2.37 6.56 2.79
CA VAL A 116 -1.96 6.49 1.40
C VAL A 116 -3.20 6.51 0.51
N LYS A 117 -3.06 7.13 -0.69
CA LYS A 117 -4.19 7.31 -1.58
C LYS A 117 -4.14 6.33 -2.74
N PRO A 118 -5.31 6.05 -3.34
CA PRO A 118 -5.35 5.16 -4.51
C PRO A 118 -4.38 5.60 -5.58
N GLY A 119 -3.68 4.63 -6.16
CA GLY A 119 -2.65 4.89 -7.14
C GLY A 119 -1.27 5.12 -6.56
N ALA A 120 -1.19 5.45 -5.28
CA ALA A 120 0.09 5.70 -4.64
C ALA A 120 0.76 4.41 -4.22
N ALA A 121 2.09 4.40 -4.30
CA ALA A 121 2.91 3.23 -4.03
C ALA A 121 3.45 3.26 -2.60
N PHE A 122 3.55 2.09 -1.99
CA PHE A 122 4.27 2.02 -0.73
C PHE A 122 4.94 0.65 -0.61
N SER A 123 5.91 0.61 0.29
CA SER A 123 6.69 -0.60 0.60
C SER A 123 6.06 -1.36 1.77
N VAL A 124 6.07 -2.68 1.68
CA VAL A 124 5.56 -3.56 2.72
C VAL A 124 6.70 -4.44 3.23
N LEU A 125 6.80 -4.55 4.55
CA LEU A 125 7.68 -5.50 5.22
C LEU A 125 6.82 -6.65 5.74
N ALA A 126 6.88 -7.79 5.05
CA ALA A 126 6.09 -8.96 5.42
C ALA A 126 6.82 -9.69 6.54
N CYS A 127 6.09 -9.95 7.60
CA CYS A 127 6.68 -10.51 8.82
C CYS A 127 5.80 -11.63 9.34
N TYR A 128 6.44 -12.61 9.99
CA TYR A 128 5.78 -13.74 10.64
C TYR A 128 6.46 -13.96 11.98
N ASN A 129 5.65 -14.05 13.05
CA ASN A 129 6.20 -14.31 14.38
C ASN A 129 7.23 -13.26 14.77
N GLY A 130 7.02 -12.03 14.32
CA GLY A 130 7.88 -10.96 14.68
C GLY A 130 9.15 -10.92 13.85
N ARG A 131 9.28 -11.81 12.87
CA ARG A 131 10.52 -11.92 12.12
C ARG A 131 10.30 -11.42 10.70
N PRO A 132 11.00 -10.37 10.27
CA PRO A 132 10.87 -9.93 8.87
C PRO A 132 11.28 -11.05 7.92
N THR A 133 10.43 -11.28 6.92
CA THR A 133 10.68 -12.37 5.97
CA THR A 133 10.57 -12.38 5.97
C THR A 133 10.74 -11.93 4.51
N GLY A 134 10.11 -10.85 4.13
CA GLY A 134 10.30 -10.33 2.79
C GLY A 134 9.82 -8.91 2.67
N THR A 135 10.18 -8.26 1.56
CA THR A 135 9.65 -6.93 1.29
C THR A 135 9.24 -6.83 -0.16
N PHE A 136 8.20 -6.03 -0.38
CA PHE A 136 7.66 -5.81 -1.70
C PHE A 136 6.96 -4.45 -1.69
N THR A 137 6.60 -3.98 -2.88
CA THR A 137 5.94 -2.70 -3.06
C THR A 137 4.63 -2.95 -3.79
N VAL A 138 3.60 -2.20 -3.35
CA VAL A 138 2.27 -2.29 -3.90
C VAL A 138 1.77 -0.88 -4.16
N VAL A 139 0.75 -0.80 -5.01
CA VAL A 139 -0.06 0.39 -5.18
C VAL A 139 -1.40 0.18 -4.48
N MET A 140 -1.87 1.20 -3.77
CA MET A 140 -3.23 1.16 -3.21
C MET A 140 -4.21 1.16 -4.37
N ARG A 141 -5.05 0.14 -4.48
CA ARG A 141 -5.98 0.11 -5.59
C ARG A 141 -7.15 1.06 -5.35
N PRO A 142 -7.84 1.47 -6.42
CA PRO A 142 -9.02 2.33 -6.26
C PRO A 142 -10.11 1.75 -5.39
N ASN A 143 -10.14 0.45 -5.12
CA ASN A 143 -11.13 -0.09 -4.21
C ASN A 143 -10.56 -0.39 -2.84
N TYR A 144 -9.40 0.17 -2.52
CA TYR A 144 -8.77 0.12 -1.21
C TYR A 144 -8.35 -1.27 -0.78
N THR A 145 -7.95 -2.07 -1.74
CA THR A 145 -7.23 -3.30 -1.52
C THR A 145 -5.81 -3.10 -2.05
N ILE A 146 -4.96 -4.07 -1.76
CA ILE A 146 -3.65 -4.18 -2.39
C ILE A 146 -3.47 -5.61 -2.88
N LYS A 147 -2.67 -5.77 -3.91
CA LYS A 147 -2.37 -7.06 -4.49
C LYS A 147 -1.05 -7.48 -3.88
N GLY A 148 -1.12 -8.00 -2.67
CA GLY A 148 0.02 -8.33 -1.89
C GLY A 148 0.30 -9.82 -1.84
N SER A 149 1.10 -10.20 -0.85
CA SER A 149 1.52 -11.59 -0.71
C SER A 149 1.64 -11.81 0.79
N PHE A 150 0.60 -12.38 1.36
CA PHE A 150 0.45 -12.46 2.80
C PHE A 150 -0.18 -13.80 3.16
N LEU A 151 0.33 -14.46 4.19
CA LEU A 151 -0.16 -15.74 4.63
C LEU A 151 -0.68 -15.67 6.06
N CYS A 152 -1.24 -16.77 6.55
CA CYS A 152 -1.56 -16.83 7.97
C CYS A 152 -0.37 -16.44 8.83
N GLY A 153 -0.63 -15.58 9.79
CA GLY A 153 0.37 -15.05 10.69
C GLY A 153 1.05 -13.76 10.23
N SER A 154 0.65 -13.20 9.11
CA SER A 154 1.29 -11.98 8.60
C SER A 154 0.65 -10.70 9.12
N CYS A 155 -0.47 -10.80 9.83
CA CYS A 155 -1.10 -9.59 10.33
C CYS A 155 -0.15 -8.82 11.24
N GLY A 156 -0.24 -7.51 11.15
CA GLY A 156 0.65 -6.61 11.82
C GLY A 156 1.88 -6.25 11.00
N SER A 157 2.10 -6.94 9.87
CA SER A 157 3.05 -6.49 8.85
C SER A 157 2.71 -5.06 8.46
N VAL A 158 3.75 -4.25 8.17
CA VAL A 158 3.50 -2.81 8.00
C VAL A 158 3.91 -2.34 6.61
N GLY A 159 3.19 -1.33 6.17
CA GLY A 159 3.51 -0.61 4.94
C GLY A 159 3.92 0.81 5.26
N TYR A 160 4.77 1.36 4.41
CA TYR A 160 5.32 2.67 4.67
C TYR A 160 5.90 3.24 3.40
N THR A 161 5.97 4.57 3.39
CA THR A 161 6.74 5.36 2.42
C THR A 161 7.87 6.05 3.18
N LYS A 162 8.75 6.72 2.44
CA LYS A 162 9.92 7.34 3.07
C LYS A 162 10.15 8.67 2.38
N GLU A 163 10.39 9.72 3.17
CA GLU A 163 10.83 11.01 2.63
C GLU A 163 12.06 11.39 3.42
N GLY A 164 13.23 11.30 2.79
CA GLY A 164 14.45 11.61 3.49
C GLY A 164 14.75 10.46 4.43
N SER A 165 15.13 10.81 5.65
CA SER A 165 15.28 9.83 6.71
C SER A 165 13.95 9.50 7.40
N VAL A 166 12.85 10.15 7.04
CA VAL A 166 11.60 10.00 7.79
C VAL A 166 10.77 8.87 7.17
N ILE A 167 10.35 7.93 8.02
CA ILE A 167 9.48 6.84 7.59
C ILE A 167 8.04 7.26 7.85
N ASN A 168 7.21 7.19 6.82
CA ASN A 168 5.78 7.52 6.91
C ASN A 168 5.00 6.20 6.92
N PHE A 169 4.61 5.75 8.12
CA PHE A 169 3.87 4.50 8.24
C PHE A 169 2.43 4.71 7.78
N CYS A 170 1.96 3.86 6.89
CA CYS A 170 0.67 4.05 6.25
C CYS A 170 -0.25 2.84 6.26
N TYR A 171 0.19 1.67 6.72
CA TYR A 171 -0.58 0.44 6.55
C TYR A 171 -0.17 -0.59 7.58
N MET A 172 -1.16 -1.20 8.22
CA MET A 172 -0.92 -2.40 9.02
C MET A 172 -1.87 -3.49 8.56
N HIS A 173 -1.30 -4.66 8.25
CA HIS A 173 -2.04 -5.66 7.51
C HIS A 173 -3.09 -6.32 8.40
N GLN A 174 -4.29 -6.56 7.84
CA GLN A 174 -5.40 -7.19 8.58
C GLN A 174 -6.03 -8.42 7.93
N MET A 175 -6.19 -8.46 6.61
CA MET A 175 -7.06 -9.49 6.06
C MET A 175 -6.83 -9.73 4.58
N GLU A 176 -7.28 -10.90 4.16
CA GLU A 176 -7.33 -11.31 2.76
C GLU A 176 -8.78 -11.43 2.31
N LEU A 177 -9.07 -10.83 1.16
CA LEU A 177 -10.41 -10.82 0.61
C LEU A 177 -10.59 -12.03 -0.32
N ALA A 178 -11.86 -12.27 -0.69
CA ALA A 178 -12.20 -13.50 -1.43
C ALA A 178 -11.49 -13.57 -2.77
N ASN A 179 -11.23 -12.44 -3.40
CA ASN A 179 -10.54 -12.42 -4.69
C ASN A 179 -9.02 -12.43 -4.55
N GLY A 180 -8.51 -12.72 -3.36
CA GLY A 180 -7.09 -12.86 -3.16
C GLY A 180 -6.34 -11.58 -2.85
N THR A 181 -6.99 -10.43 -2.94
CA THR A 181 -6.35 -9.18 -2.55
C THR A 181 -6.43 -9.02 -1.03
N HIS A 182 -5.82 -7.93 -0.55
CA HIS A 182 -5.54 -7.75 0.86
C HIS A 182 -5.95 -6.35 1.29
N THR A 183 -6.24 -6.19 2.57
CA THR A 183 -6.44 -4.84 3.08
C THR A 183 -6.05 -4.81 4.55
N GLY A 184 -6.03 -3.59 5.06
CA GLY A 184 -5.57 -3.34 6.41
C GLY A 184 -6.00 -1.97 6.86
N SER A 185 -5.32 -1.51 7.93
CA SER A 185 -5.61 -0.29 8.66
C SER A 185 -4.56 0.77 8.39
N ALA A 186 -5.01 2.01 8.44
CA ALA A 186 -4.14 3.13 8.75
C ALA A 186 -3.87 3.19 10.25
N PHE A 187 -2.88 3.97 10.64
CA PHE A 187 -2.48 4.03 12.04
C PHE A 187 -3.35 4.96 12.88
N ASP A 188 -4.36 5.61 12.29
CA ASP A 188 -5.49 6.12 13.08
C ASP A 188 -6.52 5.03 13.39
N GLY A 189 -6.28 3.78 12.99
CA GLY A 189 -7.16 2.68 13.31
C GLY A 189 -8.30 2.45 12.34
N THR A 190 -8.48 3.32 11.34
CA THR A 190 -9.49 3.07 10.33
C THR A 190 -8.97 2.02 9.35
N MET A 191 -9.87 1.16 8.89
CA MET A 191 -9.59 0.30 7.75
C MET A 191 -9.62 1.12 6.46
N TYR A 192 -8.76 0.76 5.53
CA TYR A 192 -8.89 1.28 4.16
C TYR A 192 -10.22 0.83 3.56
N GLY A 193 -10.87 1.73 2.84
CA GLY A 193 -12.10 1.36 2.15
C GLY A 193 -13.23 1.21 3.16
N ALA A 194 -14.22 0.40 2.78
CA ALA A 194 -15.38 0.14 3.63
C ALA A 194 -15.28 -1.20 4.37
N PHE A 195 -14.08 -1.75 4.51
CA PHE A 195 -13.92 -3.07 5.10
C PHE A 195 -13.96 -3.02 6.61
N MET A 196 -14.40 -4.13 7.20
CA MET A 196 -14.40 -4.36 8.63
C MET A 196 -13.48 -5.53 8.94
N ASP A 197 -12.85 -5.49 10.11
CA ASP A 197 -11.97 -6.58 10.54
C ASP A 197 -12.77 -7.70 11.20
N LYS A 198 -13.64 -8.30 10.39
CA LYS A 198 -14.41 -9.47 10.78
C LYS A 198 -14.27 -10.51 9.68
N GLN A 199 -14.21 -11.76 10.09
CA GLN A 199 -14.08 -12.88 9.16
C GLN A 199 -15.46 -13.27 8.64
N VAL A 200 -15.99 -12.40 7.78
CA VAL A 200 -17.24 -12.63 7.06
C VAL A 200 -17.06 -12.12 5.63
N HIS A 201 -17.73 -12.79 4.68
CA HIS A 201 -17.74 -12.29 3.31
C HIS A 201 -18.25 -10.87 3.29
N GLN A 202 -17.53 -9.99 2.60
CA GLN A 202 -17.90 -8.59 2.51
C GLN A 202 -17.94 -8.22 1.05
N VAL A 203 -18.78 -7.27 0.70
CA VAL A 203 -18.76 -6.78 -0.68
C VAL A 203 -17.44 -6.05 -0.92
N GLN A 204 -16.92 -6.19 -2.12
CA GLN A 204 -15.71 -5.50 -2.53
C GLN A 204 -16.10 -4.51 -3.62
N LEU A 205 -15.68 -3.25 -3.47
CA LEU A 205 -15.89 -2.32 -4.55
C LEU A 205 -15.18 -2.86 -5.79
N THR A 206 -15.63 -2.42 -6.95
CA THR A 206 -14.93 -2.80 -8.15
C THR A 206 -13.63 -2.01 -8.27
N ASP A 207 -12.63 -2.64 -8.85
CA ASP A 207 -11.36 -1.99 -9.05
C ASP A 207 -11.43 -1.21 -10.36
N LYS A 208 -10.47 -0.29 -10.54
CA LYS A 208 -10.37 0.54 -11.74
C LYS A 208 -8.90 0.67 -12.11
N TYR A 209 -8.66 0.93 -13.39
CA TYR A 209 -7.34 1.36 -13.85
C TYR A 209 -7.02 2.72 -13.25
N CYS A 210 -5.81 2.87 -12.72
CA CYS A 210 -5.33 4.14 -12.17
CA CYS A 210 -5.35 4.15 -12.18
C CYS A 210 -4.76 4.95 -13.33
N SER A 211 -5.54 5.93 -13.82
CA SER A 211 -5.22 6.61 -15.07
CA SER A 211 -5.22 6.61 -15.07
C SER A 211 -3.89 7.37 -14.97
N VAL A 212 -3.61 8.01 -13.83
CA VAL A 212 -2.37 8.77 -13.73
C VAL A 212 -1.17 7.83 -13.87
N ASN A 213 -1.27 6.59 -13.38
CA ASN A 213 -0.16 5.64 -13.46
C ASN A 213 -0.02 5.06 -14.86
N VAL A 214 -1.13 4.86 -15.57
CA VAL A 214 -1.03 4.48 -16.98
C VAL A 214 -0.33 5.58 -17.79
N VAL A 215 -0.70 6.84 -17.58
CA VAL A 215 0.01 7.95 -18.20
C VAL A 215 1.51 7.85 -17.91
N ALA A 216 1.88 7.66 -16.64
CA ALA A 216 3.28 7.55 -16.27
C ALA A 216 3.98 6.45 -17.06
N TRP A 217 3.31 5.31 -17.18
CA TRP A 217 3.88 4.18 -17.90
C TRP A 217 4.07 4.51 -19.36
N LEU A 218 3.06 5.12 -20.00
CA LEU A 218 3.21 5.58 -21.39
C LEU A 218 4.39 6.54 -21.54
N TYR A 219 4.63 7.41 -20.54
CA TYR A 219 5.79 8.29 -20.61
C TYR A 219 7.10 7.50 -20.49
N ALA A 220 7.09 6.48 -19.64
CA ALA A 220 8.27 5.62 -19.51
C ALA A 220 8.60 4.97 -20.85
N ALA A 221 7.55 4.55 -21.56
CA ALA A 221 7.75 3.96 -22.88
C ALA A 221 8.40 4.95 -23.83
N ILE A 222 7.89 6.18 -23.90
CA ILE A 222 8.49 7.23 -24.73
C ILE A 222 9.94 7.47 -24.35
N LEU A 223 10.23 7.54 -23.04
CA LEU A 223 11.60 7.71 -22.55
C LEU A 223 12.51 6.55 -22.94
N ASN A 224 11.95 5.42 -23.34
CA ASN A 224 12.73 4.28 -23.81
C ASN A 224 12.66 4.11 -25.32
N GLY A 225 12.21 5.15 -26.04
CA GLY A 225 12.17 5.13 -27.50
C GLY A 225 10.94 4.49 -28.08
N CYS A 226 9.93 4.25 -27.29
CA CYS A 226 8.72 3.52 -27.72
C CYS A 226 7.58 4.52 -27.73
N ALA A 227 7.19 4.97 -28.93
CA ALA A 227 6.24 6.09 -29.00
C ALA A 227 5.22 5.94 -30.12
N TRP A 228 5.05 4.72 -30.68
CA TRP A 228 4.17 4.53 -31.82
C TRP A 228 2.73 4.91 -31.54
N PHE A 229 2.34 4.96 -30.27
CA PHE A 229 0.98 5.26 -29.82
C PHE A 229 0.72 6.76 -29.67
N VAL A 230 1.75 7.58 -29.78
CA VAL A 230 1.63 9.03 -29.68
C VAL A 230 1.15 9.58 -31.01
N LYS A 231 -0.01 10.23 -31.00
CA LYS A 231 -0.51 10.93 -32.19
C LYS A 231 -0.68 12.41 -31.86
N PRO A 232 -0.99 13.26 -32.84
CA PRO A 232 -1.29 14.65 -32.49
C PRO A 232 -2.66 14.80 -31.86
N ASN A 233 -3.55 13.84 -32.08
CA ASN A 233 -4.87 13.85 -31.44
C ASN A 233 -4.71 14.05 -29.94
N ARG A 234 -5.71 14.71 -29.34
CA ARG A 234 -5.68 15.07 -27.94
C ARG A 234 -7.08 14.91 -27.34
N THR A 235 -7.13 14.51 -26.07
CA THR A 235 -8.36 14.50 -25.29
C THR A 235 -8.15 15.36 -24.06
N SER A 236 -9.08 16.29 -23.79
CA SER A 236 -9.00 17.13 -22.61
C SER A 236 -9.08 16.29 -21.35
N VAL A 237 -8.51 16.79 -20.26
CA VAL A 237 -8.71 16.14 -18.96
C VAL A 237 -10.20 16.00 -18.69
N VAL A 238 -10.95 17.08 -18.89
CA VAL A 238 -12.38 17.05 -18.57
C VAL A 238 -13.07 15.99 -19.41
N SER A 239 -12.78 15.95 -20.71
CA SER A 239 -13.41 14.96 -21.58
C SER A 239 -13.00 13.54 -21.19
N PHE A 240 -11.69 13.33 -20.95
CA PHE A 240 -11.21 12.01 -20.53
C PHE A 240 -11.90 11.55 -19.26
N ASN A 241 -12.08 12.45 -18.30
CA ASN A 241 -12.64 12.03 -17.02
C ASN A 241 -14.09 11.61 -17.16
N GLU A 242 -14.86 12.26 -18.03
CA GLU A 242 -16.20 11.76 -18.32
C GLU A 242 -16.13 10.35 -18.91
N TRP A 243 -15.25 10.14 -19.89
CA TRP A 243 -15.04 8.81 -20.47
C TRP A 243 -14.62 7.81 -19.39
N ALA A 244 -13.65 8.20 -18.55
CA ALA A 244 -13.13 7.31 -17.51
C ALA A 244 -14.26 6.72 -16.68
N LEU A 245 -15.22 7.56 -16.27
CA LEU A 245 -16.30 7.10 -15.41
C LEU A 245 -17.13 6.02 -16.07
N ALA A 246 -17.16 5.98 -17.40
CA ALA A 246 -17.92 4.99 -18.13
C ALA A 246 -17.09 3.78 -18.55
N ASN A 247 -15.78 3.77 -18.24
CA ASN A 247 -14.93 2.69 -18.73
C ASN A 247 -14.00 2.10 -17.67
N GLN A 248 -14.31 2.31 -16.37
CA GLN A 248 -13.60 1.65 -15.26
C GLN A 248 -12.16 2.16 -15.14
N PHE A 249 -11.97 3.45 -15.43
CA PHE A 249 -10.75 4.17 -15.15
C PHE A 249 -11.02 5.18 -14.05
N THR A 250 -10.00 5.46 -13.24
CA THR A 250 -10.04 6.60 -12.33
C THR A 250 -10.05 7.87 -13.13
N GLU A 251 -10.63 8.91 -12.55
CA GLU A 251 -10.45 10.25 -13.11
C GLU A 251 -9.01 10.71 -12.92
N PHE A 252 -8.50 11.39 -13.93
CA PHE A 252 -7.12 11.81 -13.97
C PHE A 252 -6.95 13.15 -13.29
N VAL A 253 -5.91 13.25 -12.47
CA VAL A 253 -5.53 14.47 -11.79
C VAL A 253 -4.03 14.60 -11.95
N GLY A 254 -3.61 15.61 -12.72
CA GLY A 254 -2.20 15.79 -12.94
C GLY A 254 -1.46 16.28 -11.72
N THR A 255 -0.15 16.12 -11.76
CA THR A 255 0.73 16.53 -10.67
C THR A 255 2.01 17.10 -11.25
N GLN A 256 2.81 17.72 -10.37
CA GLN A 256 4.11 18.22 -10.80
C GLN A 256 5.00 17.10 -11.35
N SER A 257 4.86 15.88 -10.84
CA SER A 257 5.66 14.75 -11.33
CA SER A 257 5.67 14.76 -11.34
C SER A 257 5.26 14.38 -12.76
N VAL A 258 3.95 14.37 -13.06
CA VAL A 258 3.53 14.13 -14.44
C VAL A 258 4.01 15.26 -15.33
N ASP A 259 3.89 16.52 -14.87
CA ASP A 259 4.33 17.65 -15.70
C ASP A 259 5.80 17.51 -16.10
N MET A 260 6.66 17.08 -15.17
CA MET A 260 8.07 16.88 -15.48
C MET A 260 8.28 15.89 -16.62
N LEU A 261 7.45 14.83 -16.66
CA LEU A 261 7.58 13.84 -17.73
C LEU A 261 7.16 14.44 -19.05
N ALA A 262 6.12 15.27 -19.02
CA ALA A 262 5.67 15.94 -20.24
C ALA A 262 6.76 16.85 -20.79
N VAL A 263 7.48 17.55 -19.89
CA VAL A 263 8.53 18.47 -20.31
C VAL A 263 9.72 17.72 -20.87
N LYS A 264 10.14 16.66 -20.19
CA LYS A 264 11.30 15.91 -20.66
C LYS A 264 11.03 15.28 -22.02
N THR A 265 9.81 14.78 -22.23
CA THR A 265 9.53 14.03 -23.45
C THR A 265 8.99 14.90 -24.56
N GLY A 266 8.47 16.08 -24.23
CA GLY A 266 7.78 16.88 -25.22
C GLY A 266 6.47 16.34 -25.69
N VAL A 267 5.82 15.47 -24.91
CA VAL A 267 4.51 14.94 -25.26
C VAL A 267 3.52 15.42 -24.19
N ALA A 268 2.40 15.97 -24.66
CA ALA A 268 1.40 16.53 -23.77
C ALA A 268 0.58 15.42 -23.14
N ILE A 269 0.18 15.65 -21.89
CA ILE A 269 -0.72 14.73 -21.20
C ILE A 269 -1.90 14.39 -22.09
N GLU A 270 -2.48 15.41 -22.72
CA GLU A 270 -3.72 15.21 -23.46
C GLU A 270 -3.53 14.25 -24.65
N GLN A 271 -2.33 14.23 -25.22
CA GLN A 271 -2.00 13.24 -26.25
C GLN A 271 -2.05 11.82 -25.68
N LEU A 272 -1.51 11.63 -24.46
CA LEU A 272 -1.55 10.29 -23.86
C LEU A 272 -2.94 9.93 -23.36
N LEU A 273 -3.73 10.91 -22.90
CA LEU A 273 -5.14 10.60 -22.60
C LEU A 273 -5.88 10.08 -23.82
N TYR A 274 -5.68 10.71 -24.98
CA TYR A 274 -6.23 10.16 -26.22
C TYR A 274 -5.73 8.74 -26.48
N ALA A 275 -4.41 8.55 -26.40
CA ALA A 275 -3.82 7.23 -26.61
C ALA A 275 -4.46 6.15 -25.72
N ILE A 276 -4.69 6.45 -24.43
CA ILE A 276 -5.29 5.47 -23.53
C ILE A 276 -6.67 5.07 -24.02
N GLN A 277 -7.44 6.05 -24.49
CA GLN A 277 -8.80 5.77 -24.96
C GLN A 277 -8.76 4.79 -26.11
N GLN A 278 -7.78 4.95 -27.00
CA GLN A 278 -7.64 4.06 -28.16
C GLN A 278 -7.05 2.72 -27.75
N LEU A 279 -5.96 2.74 -26.96
CA LEU A 279 -5.32 1.50 -26.52
C LEU A 279 -6.27 0.63 -25.69
N TYR A 280 -7.23 1.25 -25.00
CA TYR A 280 -8.19 0.49 -24.20
C TYR A 280 -9.00 -0.45 -25.08
N THR A 281 -9.43 0.02 -26.24
CA THR A 281 -10.13 -0.83 -27.20
C THR A 281 -9.23 -1.94 -27.74
N GLY A 282 -7.91 -1.73 -27.77
CA GLY A 282 -6.99 -2.80 -28.14
C GLY A 282 -5.64 -2.35 -28.64
N PHE A 283 -4.61 -3.19 -28.46
CA PHE A 283 -3.24 -2.91 -28.91
C PHE A 283 -3.01 -3.37 -30.35
N GLN A 284 -3.96 -4.11 -30.94
CA GLN A 284 -3.88 -4.50 -32.35
C GLN A 284 -2.56 -5.18 -32.67
N GLY A 285 -2.11 -6.04 -31.76
CA GLY A 285 -0.93 -6.83 -31.98
C GLY A 285 0.39 -6.16 -31.66
N LYS A 286 0.41 -4.87 -31.33
CA LYS A 286 1.65 -4.23 -30.93
C LYS A 286 1.85 -4.39 -29.43
N GLN A 287 3.05 -4.11 -28.98
CA GLN A 287 3.36 -4.12 -27.56
C GLN A 287 3.89 -2.76 -27.13
N ILE A 288 3.81 -2.50 -25.82
CA ILE A 288 4.38 -1.32 -25.20
C ILE A 288 5.17 -1.81 -24.01
N LEU A 289 6.49 -1.57 -24.03
CA LEU A 289 7.40 -2.00 -22.98
C LEU A 289 7.18 -3.46 -22.62
N GLY A 290 7.00 -4.28 -23.66
CA GLY A 290 6.83 -5.70 -23.52
C GLY A 290 5.43 -6.16 -23.20
N SER A 291 4.48 -5.26 -23.02
CA SER A 291 3.13 -5.60 -22.56
C SER A 291 2.11 -5.38 -23.67
N THR A 292 1.08 -6.23 -23.67
CA THR A 292 -0.09 -6.09 -24.53
C THR A 292 -1.29 -5.52 -23.79
N MET A 293 -1.11 -5.07 -22.55
CA MET A 293 -2.18 -4.38 -21.85
C MET A 293 -1.62 -3.19 -21.07
N LEU A 294 -2.52 -2.28 -20.73
CA LEU A 294 -2.14 -1.09 -19.97
C LEU A 294 -1.65 -1.49 -18.59
N GLU A 295 -0.58 -0.82 -18.15
CA GLU A 295 0.08 -1.06 -16.88
C GLU A 295 -0.15 0.17 -16.01
N ASP A 296 -0.71 -0.04 -14.79
CA ASP A 296 -0.99 1.06 -13.87
C ASP A 296 -0.30 0.85 -12.51
N GLU A 297 0.66 -0.06 -12.44
CA GLU A 297 1.38 -0.33 -11.19
C GLU A 297 2.62 0.53 -10.98
N PHE A 298 2.98 1.42 -11.91
CA PHE A 298 4.10 2.33 -11.74
C PHE A 298 3.62 3.78 -11.70
N THR A 299 4.11 4.53 -10.72
CA THR A 299 3.70 5.91 -10.54
C THR A 299 4.58 6.89 -11.31
N PRO A 300 4.09 8.12 -11.50
CA PRO A 300 4.95 9.19 -12.04
C PRO A 300 6.24 9.37 -11.28
N GLU A 301 6.19 9.28 -9.96
CA GLU A 301 7.40 9.32 -9.16
C GLU A 301 8.34 8.17 -9.47
N ASP A 302 7.82 6.94 -9.59
CA ASP A 302 8.71 5.82 -9.97
C ASP A 302 9.44 6.13 -11.25
N VAL A 303 8.71 6.60 -12.26
CA VAL A 303 9.32 6.85 -13.56
C VAL A 303 10.37 7.95 -13.45
N ASN A 304 10.03 9.04 -12.75
CA ASN A 304 11.01 10.13 -12.58
C ASN A 304 12.25 9.65 -11.84
N MET A 305 12.08 8.83 -10.82
CA MET A 305 13.23 8.40 -10.02
C MET A 305 14.04 7.32 -10.75
N GLN A 306 13.39 6.29 -11.26
CA GLN A 306 14.16 5.14 -11.73
C GLN A 306 14.77 5.38 -13.10
N ILE A 307 14.07 6.11 -13.97
CA ILE A 307 14.57 6.36 -15.30
C ILE A 307 15.39 7.64 -15.36
N MET A 308 14.96 8.72 -14.71
CA MET A 308 15.65 10.00 -14.83
C MET A 308 16.48 10.41 -13.63
N GLY A 309 16.44 9.67 -12.52
CA GLY A 309 17.17 10.08 -11.34
C GLY A 309 16.61 11.28 -10.63
N VAL A 310 15.37 11.69 -10.93
CA VAL A 310 14.80 12.91 -10.40
C VAL A 310 14.03 12.61 -9.12
N VAL A 311 14.59 13.08 -7.99
CA VAL A 311 13.86 13.26 -6.72
C VAL A 311 12.39 12.84 -6.79
#